data_8DAF
#
_entry.id   8DAF
#
_cell.length_a   73.428
_cell.length_b   73.428
_cell.length_c   194.184
_cell.angle_alpha   90.000
_cell.angle_beta   90.000
_cell.angle_gamma   120.000
#
_symmetry.space_group_name_H-M   'P 31 2 1'
#
loop_
_entity.id
_entity.type
_entity.pdbx_description
1 polymer 'Steroidogenic factor 1'
2 polymer 'Nuclear receptor coactivator 2'
3 non-polymer '10-[(3aR,6S,6aR)-3-phenyl-3a-(1-phenylethenyl)-6-(sulfamoylamino)-1,3a,4,5,6,6a-hexahydropentalen-2-yl]decanoic acid (non-preferred name)'
4 non-polymer DI-PALMITOYL-3-SN-PHOSPHATIDYLETHANOLAMINE
5 water water
#
loop_
_entity_poly.entity_id
_entity_poly.type
_entity_poly.pdbx_seq_one_letter_code
_entity_poly.pdbx_strand_id
1 'polypeptide(L)'
;SNASGGPNVPELILQLLQLEPDEDQVRARILGSLQEPTKSRPDQPAAFGLLCRMADQTFISIVDWARRCMVFKELEVADQ
MTLLQNCWSELLVFDHIYRQVQHGKEGSILLVTGQEVELTTVATQAGSLLHSLVLRAQELVLQLLALQLDRQEFVCLKFI
ILFSLDLKFLNNHILVKDAQEKANAALLDYTLCHYPHSGDKFQQLLLCLVEVRALSMQAKEYLYHKHLGNEMPRNNLLIE
MLQAKQT
;
A,B
2 'polypeptide(L)' KENALLRYLLDKDD C,D
#
loop_
_chem_comp.id
_chem_comp.type
_chem_comp.name
_chem_comp.formula
IUW non-polymer '10-[(3aR,6S,6aR)-3-phenyl-3a-(1-phenylethenyl)-6-(sulfamoylamino)-1,3a,4,5,6,6a-hexahydropentalen-2-yl]decanoic acid (non-preferred name)' 'C32 H42 N2 O4 S'
PEF non-polymer DI-PALMITOYL-3-SN-PHOSPHATIDYLETHANOLAMINE 'C37 H74 N O8 P'
#
# COMPACT_ATOMS: atom_id res chain seq x y z
N PRO A 7 -23.25 -16.99 25.92
CA PRO A 7 -22.73 -15.63 26.02
C PRO A 7 -21.21 -15.59 26.08
N ASN A 8 -20.62 -16.58 26.72
CA ASN A 8 -19.17 -16.70 26.80
C ASN A 8 -18.68 -17.50 25.60
N VAL A 9 -17.88 -16.86 24.74
CA VAL A 9 -17.33 -17.54 23.57
C VAL A 9 -16.27 -18.54 24.02
N PRO A 10 -16.20 -19.74 23.44
CA PRO A 10 -15.19 -20.71 23.88
C PRO A 10 -13.77 -20.20 23.71
N GLU A 11 -12.86 -20.74 24.52
CA GLU A 11 -11.48 -20.28 24.53
C GLU A 11 -10.79 -20.63 23.22
N LEU A 12 -11.10 -21.78 22.65
CA LEU A 12 -10.55 -22.14 21.34
C LEU A 12 -10.76 -21.01 20.34
N ILE A 13 -11.99 -20.49 20.27
CA ILE A 13 -12.30 -19.44 19.31
C ILE A 13 -11.56 -18.16 19.66
N LEU A 14 -11.41 -17.88 20.96
CA LEU A 14 -10.67 -16.68 21.35
C LEU A 14 -9.23 -16.74 20.87
N GLN A 15 -8.56 -17.88 21.08
CA GLN A 15 -7.18 -18.02 20.64
C GLN A 15 -7.08 -17.97 19.11
N LEU A 16 -7.98 -18.66 18.41
CA LEU A 16 -7.95 -18.61 16.96
C LEU A 16 -8.13 -17.18 16.47
N LEU A 17 -9.02 -16.41 17.09
CA LEU A 17 -9.19 -15.01 16.73
C LEU A 17 -7.89 -14.24 16.94
N GLN A 18 -7.23 -14.47 18.08
CA GLN A 18 -5.96 -13.79 18.32
C GLN A 18 -4.94 -14.14 17.25
N LEU A 19 -5.01 -15.35 16.71
CA LEU A 19 -4.06 -15.74 15.66
C LEU A 19 -4.47 -15.25 14.28
N GLU A 20 -5.71 -14.87 14.08
CA GLU A 20 -6.16 -14.41 12.77
C GLU A 20 -5.44 -13.12 12.41
N PRO A 21 -4.68 -13.07 11.32
CA PRO A 21 -4.02 -11.82 10.92
C PRO A 21 -5.02 -10.92 10.22
N ASP A 22 -5.31 -9.76 10.82
CA ASP A 22 -6.34 -8.90 10.26
C ASP A 22 -5.95 -8.44 8.86
N GLU A 23 -6.98 -8.23 8.02
CA GLU A 23 -6.80 -8.07 6.58
C GLU A 23 -5.67 -7.10 6.26
N ASP A 24 -5.49 -6.06 7.09
CA ASP A 24 -4.43 -5.09 6.91
C ASP A 24 -3.13 -5.72 6.41
N GLN A 25 -2.55 -6.60 7.22
CA GLN A 25 -1.12 -6.89 7.07
C GLN A 25 -0.84 -7.76 5.86
N VAL A 26 -1.62 -8.81 5.61
CA VAL A 26 -1.27 -9.66 4.46
C VAL A 26 -1.99 -9.20 3.19
N ARG A 27 -2.96 -8.28 3.29
CA ARG A 27 -3.23 -7.44 2.12
C ARG A 27 -1.97 -6.64 1.77
N ALA A 28 -1.34 -6.03 2.78
CA ALA A 28 -0.13 -5.26 2.54
C ALA A 28 0.93 -6.10 1.84
N ARG A 29 1.30 -7.23 2.46
CA ARG A 29 2.44 -8.01 1.96
C ARG A 29 2.12 -8.69 0.63
N ILE A 30 0.88 -9.19 0.46
CA ILE A 30 0.54 -9.76 -0.84
C ILE A 30 0.77 -8.73 -1.94
N LEU A 31 0.40 -7.47 -1.68
CA LEU A 31 0.68 -6.40 -2.62
C LEU A 31 2.18 -6.14 -2.69
N GLY A 32 2.66 -5.80 -3.88
CA GLY A 32 4.09 -5.64 -4.09
C GLY A 32 4.84 -6.94 -4.08
N SER A 33 4.21 -8.02 -4.53
CA SER A 33 4.83 -9.33 -4.55
C SER A 33 4.13 -10.21 -5.58
N ASP A 43 -13.09 -2.79 -18.72
CA ASP A 43 -11.84 -2.03 -18.61
C ASP A 43 -10.85 -2.53 -19.66
N GLN A 44 -10.12 -3.55 -19.24
CA GLN A 44 -9.00 -4.16 -19.95
C GLN A 44 -9.00 -5.63 -19.59
N PRO A 45 -8.34 -6.47 -20.37
CA PRO A 45 -8.35 -7.91 -20.06
C PRO A 45 -7.79 -8.19 -18.67
N ALA A 46 -8.24 -9.28 -18.07
CA ALA A 46 -7.82 -9.62 -16.72
C ALA A 46 -6.45 -10.27 -16.73
N ALA A 47 -5.59 -9.82 -15.82
CA ALA A 47 -4.21 -10.31 -15.75
C ALA A 47 -4.19 -11.70 -15.13
N PHE A 48 -4.14 -12.73 -15.98
CA PHE A 48 -4.23 -14.10 -15.51
C PHE A 48 -3.05 -14.45 -14.59
N GLY A 49 -1.82 -14.18 -15.03
CA GLY A 49 -0.66 -14.64 -14.30
C GLY A 49 -0.51 -14.01 -12.94
N LEU A 50 -0.80 -12.71 -12.83
CA LEU A 50 -0.65 -12.06 -11.54
C LEU A 50 -1.78 -12.45 -10.58
N LEU A 51 -2.96 -12.79 -11.13
CA LEU A 51 -4.00 -13.38 -10.28
C LEU A 51 -3.55 -14.75 -9.78
N CYS A 52 -2.85 -15.51 -10.63
CA CYS A 52 -2.31 -16.79 -10.21
C CYS A 52 -1.31 -16.62 -9.07
N ARG A 53 -0.36 -15.70 -9.24
CA ARG A 53 0.61 -15.44 -8.18
C ARG A 53 -0.08 -14.90 -6.92
N MET A 54 -1.18 -14.17 -7.08
CA MET A 54 -1.92 -13.70 -5.90
C MET A 54 -2.51 -14.87 -5.14
N ALA A 55 -3.13 -15.80 -5.88
CA ALA A 55 -3.60 -17.01 -5.21
C ALA A 55 -2.45 -17.73 -4.50
N ASP A 56 -1.26 -17.77 -5.13
CA ASP A 56 -0.11 -18.44 -4.52
C ASP A 56 0.33 -17.77 -3.23
N GLN A 57 0.33 -16.43 -3.19
CA GLN A 57 0.64 -15.72 -1.96
C GLN A 57 -0.45 -15.92 -0.92
N THR A 58 -1.72 -16.00 -1.34
CA THR A 58 -2.78 -16.32 -0.41
C THR A 58 -2.52 -17.69 0.22
N PHE A 59 -2.11 -18.66 -0.60
CA PHE A 59 -1.86 -20.00 -0.07
C PHE A 59 -0.70 -19.98 0.92
N ILE A 60 0.31 -19.15 0.65
CA ILE A 60 1.44 -19.05 1.56
C ILE A 60 1.01 -18.45 2.90
N SER A 61 0.18 -17.41 2.86
CA SER A 61 -0.31 -16.81 4.10
C SER A 61 -1.16 -17.81 4.88
N ILE A 62 -1.95 -18.62 4.18
CA ILE A 62 -2.76 -19.62 4.85
C ILE A 62 -1.88 -20.68 5.51
N VAL A 63 -0.78 -21.06 4.85
CA VAL A 63 0.12 -22.05 5.44
C VAL A 63 0.79 -21.50 6.69
N ASP A 64 1.14 -20.21 6.69
CA ASP A 64 1.73 -19.62 7.91
C ASP A 64 0.69 -19.49 9.03
N TRP A 65 -0.55 -19.15 8.68
CA TRP A 65 -1.63 -19.20 9.66
C TRP A 65 -1.67 -20.57 10.31
N ALA A 66 -1.73 -21.62 9.49
CA ALA A 66 -1.77 -22.98 10.03
C ALA A 66 -0.57 -23.23 10.94
N ARG A 67 0.63 -22.83 10.48
CA ARG A 67 1.84 -23.01 11.28
C ARG A 67 1.69 -22.40 12.67
N ARG A 68 0.98 -21.29 12.78
CA ARG A 68 0.80 -20.64 14.07
C ARG A 68 -0.30 -21.27 14.92
N CYS A 69 -1.12 -22.15 14.35
CA CYS A 69 -2.30 -22.64 15.06
C CYS A 69 -1.93 -23.54 16.22
N MET A 70 -2.89 -23.68 17.14
CA MET A 70 -2.81 -24.66 18.21
C MET A 70 -2.84 -26.07 17.65
N VAL A 71 -2.24 -26.99 18.43
CA VAL A 71 -2.24 -28.41 18.13
C VAL A 71 -1.44 -28.69 16.86
N PHE A 72 -1.82 -28.05 15.76
CA PHE A 72 -1.06 -28.16 14.52
C PHE A 72 0.42 -27.86 14.76
N LYS A 73 0.70 -26.88 15.63
CA LYS A 73 2.08 -26.51 15.93
C LYS A 73 2.84 -27.62 16.65
N GLU A 74 2.13 -28.57 17.26
CA GLU A 74 2.79 -29.64 18.02
C GLU A 74 3.00 -30.89 17.20
N LEU A 75 2.31 -31.03 16.08
CA LEU A 75 2.44 -32.22 15.25
C LEU A 75 3.79 -32.23 14.54
N GLU A 76 4.17 -33.40 14.06
CA GLU A 76 5.39 -33.52 13.26
C GLU A 76 5.12 -33.01 11.85
N VAL A 77 6.21 -32.67 11.15
CA VAL A 77 6.08 -32.06 9.83
C VAL A 77 5.35 -32.98 8.87
N ALA A 78 5.47 -34.31 9.06
CA ALA A 78 4.77 -35.25 8.20
C ALA A 78 3.26 -35.12 8.37
N ASP A 79 2.78 -35.10 9.61
CA ASP A 79 1.35 -34.93 9.85
C ASP A 79 0.86 -33.56 9.39
N GLN A 80 1.68 -32.52 9.57
CA GLN A 80 1.32 -31.21 9.06
C GLN A 80 1.18 -31.24 7.54
N MET A 81 2.11 -31.92 6.86
CA MET A 81 2.04 -32.04 5.41
C MET A 81 0.79 -32.79 4.99
N THR A 82 0.49 -33.90 5.68
CA THR A 82 -0.73 -34.65 5.37
C THR A 82 -1.97 -33.80 5.52
N LEU A 83 -2.09 -33.10 6.65
CA LEU A 83 -3.27 -32.27 6.88
C LEU A 83 -3.41 -31.19 5.82
N LEU A 84 -2.33 -30.43 5.56
CA LEU A 84 -2.42 -29.34 4.60
C LEU A 84 -2.66 -29.84 3.18
N GLN A 85 -2.12 -31.00 2.83
CA GLN A 85 -2.36 -31.60 1.53
C GLN A 85 -3.81 -32.00 1.34
N ASN A 86 -4.54 -32.20 2.44
CA ASN A 86 -5.92 -32.65 2.35
C ASN A 86 -6.92 -31.51 2.25
N CYS A 87 -6.49 -30.26 2.48
CA CYS A 87 -7.45 -29.17 2.58
C CYS A 87 -6.96 -27.84 2.01
N TRP A 88 -5.87 -27.82 1.25
CA TRP A 88 -5.35 -26.55 0.74
C TRP A 88 -6.38 -25.88 -0.16
N SER A 89 -6.92 -26.61 -1.13
CA SER A 89 -7.93 -26.02 -2.01
C SER A 89 -9.15 -25.57 -1.20
N GLU A 90 -9.57 -26.38 -0.23
CA GLU A 90 -10.72 -26.03 0.58
C GLU A 90 -10.50 -24.72 1.34
N LEU A 91 -9.32 -24.57 1.95
CA LEU A 91 -9.02 -23.34 2.69
C LEU A 91 -8.92 -22.13 1.76
N LEU A 92 -8.35 -22.30 0.56
CA LEU A 92 -8.33 -21.18 -0.37
C LEU A 92 -9.74 -20.73 -0.75
N VAL A 93 -10.59 -21.70 -1.11
CA VAL A 93 -11.96 -21.38 -1.51
C VAL A 93 -12.73 -20.76 -0.36
N PHE A 94 -12.55 -21.28 0.86
CA PHE A 94 -13.27 -20.73 2.00
C PHE A 94 -12.80 -19.32 2.33
N ASP A 95 -11.50 -19.06 2.21
CA ASP A 95 -11.00 -17.70 2.39
C ASP A 95 -11.67 -16.76 1.40
N HIS A 96 -11.76 -17.18 0.13
CA HIS A 96 -12.41 -16.34 -0.86
C HIS A 96 -13.88 -16.08 -0.50
N ILE A 97 -14.58 -17.14 -0.09
CA ILE A 97 -16.00 -17.02 0.21
C ILE A 97 -16.22 -16.09 1.40
N TYR A 98 -15.42 -16.23 2.45
CA TYR A 98 -15.56 -15.34 3.59
C TYR A 98 -15.14 -13.92 3.25
N ARG A 99 -14.21 -13.75 2.31
CA ARG A 99 -13.88 -12.40 1.85
C ARG A 99 -15.09 -11.77 1.16
N GLN A 100 -15.87 -12.58 0.44
CA GLN A 100 -17.09 -12.05 -0.18
C GLN A 100 -18.14 -11.74 0.87
N VAL A 101 -18.28 -12.60 1.88
CA VAL A 101 -19.27 -12.37 2.92
C VAL A 101 -18.95 -11.10 3.69
N GLN A 102 -17.75 -11.03 4.25
CA GLN A 102 -17.39 -9.94 5.16
C GLN A 102 -17.37 -8.59 4.44
N HIS A 103 -16.90 -8.56 3.20
CA HIS A 103 -16.81 -7.32 2.46
C HIS A 103 -17.32 -7.52 1.04
N GLY A 104 -17.49 -6.41 0.32
CA GLY A 104 -17.85 -6.46 -1.08
C GLY A 104 -19.35 -6.59 -1.31
N LYS A 105 -19.73 -6.35 -2.55
CA LYS A 105 -21.12 -6.36 -2.99
C LYS A 105 -21.43 -7.70 -3.67
N GLU A 106 -22.72 -7.95 -3.88
CA GLU A 106 -23.13 -9.16 -4.59
C GLU A 106 -23.28 -8.93 -6.09
N GLY A 107 -22.93 -7.74 -6.57
CA GLY A 107 -22.65 -7.51 -7.97
C GLY A 107 -21.18 -7.56 -8.31
N SER A 108 -20.33 -7.78 -7.32
CA SER A 108 -18.89 -7.86 -7.53
C SER A 108 -18.30 -8.90 -6.58
N ILE A 109 -17.10 -9.38 -6.94
CA ILE A 109 -16.30 -10.24 -6.08
C ILE A 109 -15.07 -9.44 -5.67
N LEU A 110 -14.72 -9.52 -4.39
CA LEU A 110 -13.55 -8.85 -3.86
C LEU A 110 -12.39 -9.83 -3.77
N LEU A 111 -11.22 -9.40 -4.23
CA LEU A 111 -10.01 -10.21 -4.14
C LEU A 111 -9.07 -9.63 -3.09
N VAL A 112 -8.18 -10.50 -2.58
CA VAL A 112 -7.42 -10.17 -1.38
C VAL A 112 -6.63 -8.89 -1.56
N THR A 113 -6.30 -8.52 -2.79
CA THR A 113 -5.56 -7.29 -3.01
C THR A 113 -6.42 -6.05 -2.75
N GLY A 114 -7.74 -6.21 -2.71
CA GLY A 114 -8.64 -5.09 -2.64
C GLY A 114 -9.33 -4.76 -3.94
N GLN A 115 -8.89 -5.36 -5.04
CA GLN A 115 -9.55 -5.17 -6.32
C GLN A 115 -10.92 -5.84 -6.32
N GLU A 116 -11.87 -5.23 -7.01
CA GLU A 116 -13.22 -5.76 -7.15
C GLU A 116 -13.48 -6.04 -8.62
N VAL A 117 -13.95 -7.24 -8.91
CA VAL A 117 -14.25 -7.68 -10.27
C VAL A 117 -15.75 -7.91 -10.36
N GLU A 118 -16.41 -7.19 -11.27
CA GLU A 118 -17.86 -7.30 -11.39
C GLU A 118 -18.23 -8.57 -12.14
N LEU A 119 -19.33 -9.20 -11.71
CA LEU A 119 -19.77 -10.45 -12.33
C LEU A 119 -19.95 -10.31 -13.83
N THR A 120 -20.23 -9.10 -14.31
CA THR A 120 -20.28 -8.86 -15.76
C THR A 120 -18.94 -9.19 -16.41
N THR A 121 -17.84 -8.68 -15.83
CA THR A 121 -16.51 -8.99 -16.34
C THR A 121 -16.28 -10.49 -16.38
N VAL A 122 -16.70 -11.20 -15.32
CA VAL A 122 -16.52 -12.65 -15.27
C VAL A 122 -17.31 -13.31 -16.39
N ALA A 123 -18.57 -12.94 -16.57
CA ALA A 123 -19.42 -13.57 -17.57
C ALA A 123 -18.86 -13.36 -18.96
N THR A 124 -18.26 -12.19 -19.22
CA THR A 124 -17.78 -11.92 -20.58
C THR A 124 -16.38 -12.50 -20.83
N GLN A 125 -15.51 -12.48 -19.82
CA GLN A 125 -14.13 -12.91 -20.01
C GLN A 125 -13.92 -14.39 -19.70
N ALA A 126 -14.64 -14.94 -18.74
CA ALA A 126 -14.35 -16.28 -18.24
C ALA A 126 -14.90 -17.35 -19.17
N GLY A 127 -14.27 -18.51 -19.12
CA GLY A 127 -14.80 -19.69 -19.75
C GLY A 127 -15.97 -20.24 -18.94
N SER A 128 -16.52 -21.34 -19.43
CA SER A 128 -17.71 -21.89 -18.80
C SER A 128 -17.41 -22.36 -17.38
N LEU A 129 -16.31 -23.06 -17.17
CA LEU A 129 -16.10 -23.69 -15.87
C LEU A 129 -15.70 -22.68 -14.80
N LEU A 130 -14.76 -21.77 -15.11
CA LEU A 130 -14.45 -20.73 -14.14
C LEU A 130 -15.68 -19.91 -13.79
N HIS A 131 -16.48 -19.58 -14.80
CA HIS A 131 -17.71 -18.84 -14.58
C HIS A 131 -18.63 -19.59 -13.63
N SER A 132 -18.84 -20.89 -13.90
CA SER A 132 -19.67 -21.71 -13.03
C SER A 132 -19.15 -21.73 -11.60
N LEU A 133 -17.82 -21.84 -11.45
CA LEU A 133 -17.24 -21.91 -10.12
C LEU A 133 -17.43 -20.60 -9.36
N VAL A 134 -17.21 -19.46 -10.02
CA VAL A 134 -17.44 -18.17 -9.37
C VAL A 134 -18.90 -18.03 -8.96
N LEU A 135 -19.81 -18.48 -9.84
CA LEU A 135 -21.24 -18.38 -9.53
C LEU A 135 -21.62 -19.24 -8.33
N ARG A 136 -21.13 -20.48 -8.26
CA ARG A 136 -21.48 -21.34 -7.14
C ARG A 136 -20.83 -20.83 -5.85
N ALA A 137 -19.63 -20.24 -5.95
CA ALA A 137 -19.05 -19.61 -4.78
C ALA A 137 -19.94 -18.48 -4.27
N GLN A 138 -20.51 -17.69 -5.19
CA GLN A 138 -21.44 -16.65 -4.77
C GLN A 138 -22.71 -17.22 -4.14
N GLU A 139 -23.16 -18.38 -4.64
CA GLU A 139 -24.31 -19.04 -4.02
C GLU A 139 -24.00 -19.40 -2.57
N LEU A 140 -22.84 -20.03 -2.34
CA LEU A 140 -22.45 -20.36 -0.97
C LEU A 140 -22.33 -19.09 -0.11
N VAL A 141 -21.83 -18.00 -0.70
CA VAL A 141 -21.74 -16.74 0.02
C VAL A 141 -23.13 -16.31 0.51
N LEU A 142 -24.11 -16.32 -0.41
CA LEU A 142 -25.46 -15.94 -0.01
C LEU A 142 -25.97 -16.86 1.09
N GLN A 143 -25.74 -18.17 0.96
CA GLN A 143 -26.15 -19.11 2.00
C GLN A 143 -25.60 -18.69 3.36
N LEU A 144 -24.30 -18.40 3.41
CA LEU A 144 -23.68 -18.05 4.68
C LEU A 144 -24.22 -16.73 5.21
N LEU A 145 -24.51 -15.78 4.32
CA LEU A 145 -25.10 -14.53 4.75
C LEU A 145 -26.47 -14.75 5.38
N ALA A 146 -27.25 -15.67 4.82
CA ALA A 146 -28.58 -15.95 5.35
C ALA A 146 -28.50 -16.51 6.77
N LEU A 147 -27.48 -17.31 7.05
CA LEU A 147 -27.25 -17.83 8.39
C LEU A 147 -26.42 -16.87 9.24
N GLN A 148 -26.15 -15.67 8.75
CA GLN A 148 -25.44 -14.64 9.50
C GLN A 148 -24.11 -15.17 10.03
N LEU A 149 -23.29 -15.67 9.12
CA LEU A 149 -21.96 -16.14 9.52
C LEU A 149 -21.15 -14.95 10.03
N ASP A 150 -20.45 -15.15 11.14
CA ASP A 150 -19.61 -14.11 11.74
C ASP A 150 -18.19 -14.65 11.94
N ARG A 151 -17.30 -13.73 12.30
CA ARG A 151 -15.87 -14.01 12.26
C ARG A 151 -15.48 -15.15 13.19
N GLN A 152 -16.09 -15.21 14.38
CA GLN A 152 -15.85 -16.31 15.30
C GLN A 152 -16.10 -17.65 14.62
N GLU A 153 -17.27 -17.77 13.97
CA GLU A 153 -17.59 -18.98 13.24
C GLU A 153 -16.59 -19.20 12.12
N PHE A 154 -16.14 -18.13 11.47
CA PHE A 154 -15.22 -18.28 10.35
C PHE A 154 -13.92 -18.95 10.80
N VAL A 155 -13.31 -18.42 11.87
CA VAL A 155 -12.05 -19.00 12.33
C VAL A 155 -12.28 -20.42 12.83
N CYS A 156 -13.41 -20.66 13.51
CA CYS A 156 -13.67 -22.01 14.00
C CYS A 156 -13.82 -23.00 12.84
N LEU A 157 -14.49 -22.59 11.77
CA LEU A 157 -14.66 -23.45 10.62
C LEU A 157 -13.36 -23.65 9.86
N LYS A 158 -12.50 -22.63 9.81
CA LYS A 158 -11.18 -22.82 9.27
C LYS A 158 -10.42 -23.90 10.04
N PHE A 159 -10.43 -23.80 11.37
CA PHE A 159 -9.78 -24.82 12.19
C PHE A 159 -10.38 -26.19 11.94
N ILE A 160 -11.71 -26.26 11.80
CA ILE A 160 -12.35 -27.55 11.53
C ILE A 160 -11.87 -28.12 10.20
N ILE A 161 -11.80 -27.30 9.17
CA ILE A 161 -11.35 -27.76 7.86
C ILE A 161 -9.92 -28.28 7.96
N LEU A 162 -9.05 -27.52 8.62
CA LEU A 162 -7.66 -27.91 8.75
C LEU A 162 -7.51 -29.32 9.29
N PHE A 163 -8.36 -29.69 10.26
CA PHE A 163 -8.28 -31.02 10.87
C PHE A 163 -9.36 -31.96 10.35
N SER A 164 -9.90 -31.70 9.16
CA SER A 164 -10.96 -32.52 8.60
C SER A 164 -10.49 -33.87 8.07
N LEU A 165 -9.22 -34.21 8.24
CA LEU A 165 -8.71 -35.49 7.74
C LEU A 165 -8.99 -36.61 8.73
N ASP A 166 -9.29 -37.79 8.21
CA ASP A 166 -9.48 -38.95 9.05
C ASP A 166 -8.18 -39.35 9.76
N LEU A 167 -8.32 -39.78 11.02
CA LEU A 167 -7.15 -40.09 11.84
C LEU A 167 -6.26 -41.15 11.21
N LYS A 168 -6.85 -42.09 10.47
CA LYS A 168 -6.10 -43.25 10.00
C LYS A 168 -4.85 -42.84 9.22
N PHE A 169 -4.90 -41.74 8.49
CA PHE A 169 -3.78 -41.31 7.67
C PHE A 169 -2.70 -40.57 8.45
N LEU A 170 -2.84 -40.44 9.77
CA LEU A 170 -1.91 -39.67 10.58
C LEU A 170 -1.24 -40.55 11.62
N ASN A 171 -0.02 -40.15 12.01
CA ASN A 171 0.69 -40.83 13.09
C ASN A 171 0.04 -40.51 14.43
N ASN A 172 -0.08 -39.23 14.74
CA ASN A 172 -0.64 -38.77 16.03
C ASN A 172 -2.15 -38.71 15.91
N HIS A 173 -2.81 -39.81 16.27
CA HIS A 173 -4.27 -39.81 16.31
C HIS A 173 -4.79 -38.98 17.47
N ILE A 174 -4.14 -39.10 18.63
CA ILE A 174 -4.68 -38.56 19.87
C ILE A 174 -4.95 -37.07 19.74
N LEU A 175 -3.93 -36.31 19.34
CA LEU A 175 -4.07 -34.85 19.32
C LEU A 175 -5.01 -34.40 18.20
N VAL A 176 -4.94 -35.04 17.03
CA VAL A 176 -5.81 -34.65 15.93
C VAL A 176 -7.27 -34.88 16.30
N LYS A 177 -7.57 -35.99 16.97
CA LYS A 177 -8.94 -36.25 17.35
C LYS A 177 -9.41 -35.32 18.46
N ASP A 178 -8.53 -35.03 19.43
CA ASP A 178 -8.86 -34.03 20.44
C ASP A 178 -9.19 -32.70 19.78
N ALA A 179 -8.41 -32.31 18.78
CA ALA A 179 -8.66 -31.06 18.07
C ALA A 179 -10.00 -31.08 17.37
N GLN A 180 -10.28 -32.16 16.63
CA GLN A 180 -11.55 -32.27 15.93
C GLN A 180 -12.71 -32.13 16.90
N GLU A 181 -12.69 -32.93 17.97
CA GLU A 181 -13.76 -32.89 18.95
C GLU A 181 -13.95 -31.50 19.53
N LYS A 182 -12.86 -30.88 20.00
CA LYS A 182 -12.99 -29.59 20.66
C LYS A 182 -13.40 -28.49 19.68
N ALA A 183 -12.98 -28.59 18.41
CA ALA A 183 -13.42 -27.61 17.44
C ALA A 183 -14.92 -27.69 17.23
N ASN A 184 -15.44 -28.91 17.03
CA ASN A 184 -16.89 -29.05 16.82
C ASN A 184 -17.67 -28.65 18.06
N ALA A 185 -17.15 -28.97 19.25
CA ALA A 185 -17.79 -28.55 20.48
C ALA A 185 -17.83 -27.03 20.59
N ALA A 186 -16.72 -26.36 20.28
CA ALA A 186 -16.69 -24.91 20.32
C ALA A 186 -17.73 -24.32 19.39
N LEU A 187 -17.78 -24.80 18.15
CA LEU A 187 -18.75 -24.26 17.21
C LEU A 187 -20.17 -24.46 17.73
N LEU A 188 -20.48 -25.67 18.22
CA LEU A 188 -21.83 -25.93 18.72
C LEU A 188 -22.17 -25.00 19.88
N ASP A 189 -21.28 -24.92 20.87
CA ASP A 189 -21.54 -24.06 22.02
C ASP A 189 -21.80 -22.63 21.57
N TYR A 190 -20.96 -22.12 20.66
CA TYR A 190 -21.08 -20.73 20.23
C TYR A 190 -22.38 -20.50 19.48
N THR A 191 -22.75 -21.41 18.57
CA THR A 191 -23.97 -21.22 17.79
C THR A 191 -25.21 -21.31 18.67
N LEU A 192 -25.24 -22.26 19.61
CA LEU A 192 -26.39 -22.36 20.49
C LEU A 192 -26.52 -21.12 21.38
N CYS A 193 -25.40 -20.53 21.81
CA CYS A 193 -25.54 -19.41 22.74
C CYS A 193 -25.72 -18.06 22.05
N HIS A 194 -25.22 -17.87 20.84
CA HIS A 194 -25.33 -16.56 20.20
C HIS A 194 -26.33 -16.48 19.06
N TYR A 195 -26.89 -17.61 18.63
CA TYR A 195 -27.81 -17.64 17.49
C TYR A 195 -29.22 -17.97 17.99
N PRO A 196 -29.99 -16.98 18.44
CA PRO A 196 -31.33 -17.29 18.99
C PRO A 196 -32.32 -17.76 17.95
N HIS A 197 -32.02 -17.60 16.66
CA HIS A 197 -32.96 -17.96 15.61
C HIS A 197 -33.17 -19.47 15.56
N SER A 198 -34.04 -19.90 14.66
CA SER A 198 -34.34 -21.31 14.45
C SER A 198 -33.55 -21.83 13.27
N GLY A 199 -33.22 -23.13 13.32
CA GLY A 199 -32.65 -23.79 12.18
C GLY A 199 -31.60 -24.86 12.48
N ASP A 200 -30.89 -24.70 13.58
CA ASP A 200 -29.71 -25.50 13.89
C ASP A 200 -28.54 -25.04 13.01
N LYS A 201 -27.91 -23.94 13.41
CA LYS A 201 -26.84 -23.34 12.63
C LYS A 201 -25.62 -24.24 12.54
N PHE A 202 -25.37 -25.02 13.59
CA PHE A 202 -24.27 -25.97 13.60
C PHE A 202 -24.32 -26.88 12.37
N GLN A 203 -25.44 -27.59 12.20
CA GLN A 203 -25.52 -28.58 11.14
C GLN A 203 -25.50 -27.93 9.76
N GLN A 204 -26.15 -26.78 9.61
CA GLN A 204 -26.22 -26.14 8.30
C GLN A 204 -24.89 -25.54 7.90
N LEU A 205 -24.13 -25.03 8.87
CA LEU A 205 -22.75 -24.65 8.60
C LEU A 205 -21.92 -25.85 8.16
N LEU A 206 -22.10 -26.99 8.82
CA LEU A 206 -21.32 -28.17 8.42
C LEU A 206 -21.68 -28.63 7.01
N LEU A 207 -22.96 -28.54 6.64
CA LEU A 207 -23.33 -28.91 5.28
C LEU A 207 -22.81 -27.90 4.26
N CYS A 208 -22.73 -26.62 4.63
CA CYS A 208 -22.07 -25.68 3.73
C CYS A 208 -20.58 -26.01 3.58
N LEU A 209 -19.95 -26.55 4.62
CA LEU A 209 -18.57 -27.01 4.47
C LEU A 209 -18.50 -28.17 3.48
N VAL A 210 -19.49 -29.06 3.52
CA VAL A 210 -19.62 -30.10 2.49
C VAL A 210 -19.60 -29.47 1.10
N GLU A 211 -20.43 -28.45 0.91
CA GLU A 211 -20.52 -27.79 -0.40
C GLU A 211 -19.20 -27.11 -0.77
N VAL A 212 -18.49 -26.55 0.22
CA VAL A 212 -17.23 -25.89 -0.04
C VAL A 212 -16.19 -26.91 -0.52
N ARG A 213 -16.17 -28.09 0.10
CA ARG A 213 -15.24 -29.13 -0.34
C ARG A 213 -15.55 -29.55 -1.78
N ALA A 214 -16.84 -29.66 -2.12
CA ALA A 214 -17.20 -29.98 -3.51
C ALA A 214 -16.72 -28.90 -4.47
N LEU A 215 -16.91 -27.64 -4.10
CA LEU A 215 -16.47 -26.54 -4.95
C LEU A 215 -14.96 -26.52 -5.11
N SER A 216 -14.23 -26.87 -4.04
CA SER A 216 -12.78 -26.87 -4.10
C SER A 216 -12.27 -28.00 -5.00
N MET A 217 -12.96 -29.15 -4.98
CA MET A 217 -12.65 -30.20 -5.95
C MET A 217 -12.85 -29.68 -7.38
N GLN A 218 -13.94 -28.95 -7.61
CA GLN A 218 -14.15 -28.36 -8.93
C GLN A 218 -13.02 -27.40 -9.30
N ALA A 219 -12.53 -26.63 -8.33
CA ALA A 219 -11.43 -25.73 -8.59
C ALA A 219 -10.18 -26.50 -9.00
N LYS A 220 -9.92 -27.62 -8.31
CA LYS A 220 -8.82 -28.49 -8.69
C LYS A 220 -8.97 -28.94 -10.14
N GLU A 221 -10.17 -29.32 -10.54
CA GLU A 221 -10.40 -29.71 -11.93
C GLU A 221 -10.08 -28.56 -12.88
N TYR A 222 -10.50 -27.33 -12.53
CA TYR A 222 -10.23 -26.18 -13.38
C TYR A 222 -8.72 -25.99 -13.55
N LEU A 223 -7.97 -26.06 -12.45
CA LEU A 223 -6.53 -25.87 -12.54
C LEU A 223 -5.88 -27.00 -13.34
N TYR A 224 -6.40 -28.22 -13.21
CA TYR A 224 -5.86 -29.32 -14.00
C TYR A 224 -6.09 -29.06 -15.49
N HIS A 225 -7.29 -28.59 -15.85
CA HIS A 225 -7.58 -28.25 -17.24
C HIS A 225 -6.60 -27.18 -17.74
N LYS A 226 -6.33 -26.16 -16.93
CA LYS A 226 -5.37 -25.14 -17.34
C LYS A 226 -3.97 -25.74 -17.50
N HIS A 227 -3.62 -26.70 -16.64
CA HIS A 227 -2.28 -27.29 -16.68
C HIS A 227 -2.10 -28.14 -17.93
N LEU A 228 -3.12 -28.91 -18.31
CA LEU A 228 -2.99 -29.75 -19.50
C LEU A 228 -2.80 -28.90 -20.75
N GLY A 229 -3.34 -27.69 -20.76
CA GLY A 229 -3.14 -26.77 -21.86
C GLY A 229 -1.90 -25.91 -21.74
N ASN A 230 -1.12 -26.10 -20.68
CA ASN A 230 0.08 -25.30 -20.44
C ASN A 230 -0.25 -23.80 -20.43
N GLU A 231 -1.34 -23.45 -19.76
CA GLU A 231 -1.78 -22.07 -19.64
C GLU A 231 -1.40 -21.44 -18.30
N MET A 232 -0.77 -22.18 -17.41
CA MET A 232 -0.41 -21.60 -16.12
C MET A 232 1.08 -21.31 -16.06
N PRO A 233 1.47 -20.32 -15.26
CA PRO A 233 2.92 -20.04 -15.08
C PRO A 233 3.71 -21.30 -14.77
N ARG A 234 5.02 -21.26 -15.03
CA ARG A 234 5.83 -22.47 -14.99
C ARG A 234 5.97 -23.01 -13.58
N ASN A 235 6.14 -22.15 -12.59
CA ASN A 235 6.37 -22.57 -11.22
C ASN A 235 5.22 -22.19 -10.30
N ASN A 236 3.99 -22.30 -10.81
CA ASN A 236 2.80 -21.99 -10.02
C ASN A 236 2.66 -22.99 -8.88
N LEU A 237 2.54 -22.48 -7.65
CA LEU A 237 2.58 -23.36 -6.48
C LEU A 237 1.29 -24.18 -6.33
N LEU A 238 0.16 -23.63 -6.76
CA LEU A 238 -1.07 -24.42 -6.72
C LEU A 238 -0.97 -25.63 -7.62
N ILE A 239 -0.23 -25.52 -8.74
CA ILE A 239 -0.05 -26.66 -9.63
C ILE A 239 0.90 -27.67 -9.01
N GLU A 240 1.86 -27.20 -8.21
CA GLU A 240 2.74 -28.12 -7.50
C GLU A 240 1.98 -28.89 -6.42
N MET A 241 1.06 -28.21 -5.72
CA MET A 241 0.21 -28.90 -4.75
C MET A 241 -0.74 -29.88 -5.43
N LEU A 242 -1.29 -29.49 -6.58
CA LEU A 242 -2.18 -30.36 -7.34
C LEU A 242 -1.51 -31.68 -7.71
N GLN A 243 -0.19 -31.68 -7.87
CA GLN A 243 0.51 -32.85 -8.36
C GLN A 243 1.22 -33.62 -7.25
N ALA A 244 0.86 -33.39 -5.98
CA ALA A 244 1.62 -33.95 -4.88
C ALA A 244 1.58 -35.48 -4.87
N LYS A 245 0.39 -36.06 -5.11
CA LYS A 245 0.20 -37.51 -5.06
C LYS A 245 0.99 -38.18 -3.93
N PRO B 7 15.33 13.14 -27.99
CA PRO B 7 16.70 13.56 -28.33
C PRO B 7 16.95 15.03 -27.96
N ASN B 8 18.23 15.41 -27.89
CA ASN B 8 18.63 16.78 -27.53
C ASN B 8 18.23 17.11 -26.09
N VAL B 9 18.21 16.11 -25.22
CA VAL B 9 17.87 16.30 -23.81
C VAL B 9 19.18 16.42 -23.02
N PRO B 10 19.41 17.52 -22.31
CA PRO B 10 20.67 17.64 -21.55
C PRO B 10 20.85 16.49 -20.58
N GLU B 11 22.13 16.10 -20.39
CA GLU B 11 22.42 14.92 -19.59
C GLU B 11 22.11 15.15 -18.11
N LEU B 12 22.23 16.39 -17.63
CA LEU B 12 21.83 16.68 -16.26
C LEU B 12 20.37 16.36 -16.02
N ILE B 13 19.52 16.67 -17.00
CA ILE B 13 18.09 16.41 -16.84
C ILE B 13 17.82 14.91 -16.88
N LEU B 14 18.51 14.17 -17.75
CA LEU B 14 18.39 12.72 -17.78
C LEU B 14 18.77 12.12 -16.43
N GLN B 15 19.88 12.55 -15.87
CA GLN B 15 20.29 12.03 -14.56
C GLN B 15 19.25 12.38 -13.51
N LEU B 16 18.83 13.66 -13.46
CA LEU B 16 17.83 14.04 -12.47
C LEU B 16 16.57 13.17 -12.59
N LEU B 17 16.15 12.85 -13.82
CA LEU B 17 15.01 11.97 -13.99
C LEU B 17 15.28 10.61 -13.41
N GLN B 18 16.49 10.07 -13.66
CA GLN B 18 16.85 8.77 -13.10
C GLN B 18 16.81 8.76 -11.58
N LEU B 19 16.95 9.92 -10.94
CA LEU B 19 17.01 10.02 -9.49
C LEU B 19 15.67 10.33 -8.84
N GLU B 20 14.63 10.57 -9.61
CA GLU B 20 13.38 11.05 -9.02
C GLU B 20 12.60 9.87 -8.44
N PRO B 21 12.10 9.99 -7.21
CA PRO B 21 11.47 8.83 -6.55
C PRO B 21 10.31 8.24 -7.33
N ASP B 22 9.88 7.07 -6.88
CA ASP B 22 8.69 6.39 -7.38
C ASP B 22 7.48 6.89 -6.61
N GLU B 23 6.51 7.46 -7.31
CA GLU B 23 5.40 8.12 -6.61
C GLU B 23 4.53 7.11 -5.88
N ASP B 24 4.37 5.90 -6.43
CA ASP B 24 3.61 4.89 -5.70
C ASP B 24 4.36 4.45 -4.44
N GLN B 25 5.68 4.33 -4.50
CA GLN B 25 6.40 3.88 -3.31
C GLN B 25 6.63 5.01 -2.32
N VAL B 26 6.77 6.27 -2.76
CA VAL B 26 6.76 7.36 -1.79
C VAL B 26 5.44 7.37 -1.05
N ARG B 27 4.33 7.24 -1.79
CA ARG B 27 3.02 7.14 -1.15
C ARG B 27 2.99 5.99 -0.15
N ALA B 28 3.49 4.81 -0.56
CA ALA B 28 3.45 3.64 0.31
C ALA B 28 4.27 3.86 1.57
N ARG B 29 5.50 4.36 1.43
CA ARG B 29 6.37 4.53 2.58
C ARG B 29 5.80 5.54 3.55
N ILE B 30 5.21 6.63 3.04
CA ILE B 30 4.67 7.65 3.94
C ILE B 30 3.41 7.12 4.64
N LEU B 31 2.56 6.39 3.92
CA LEU B 31 1.39 5.78 4.56
C LEU B 31 1.82 4.81 5.65
N GLY B 32 2.82 3.98 5.37
CA GLY B 32 3.33 3.06 6.38
C GLY B 32 3.92 3.78 7.58
N SER B 33 4.64 4.88 7.33
CA SER B 33 5.11 5.70 8.43
C SER B 33 3.97 6.14 9.31
N LEU B 34 2.87 6.59 8.70
CA LEU B 34 1.74 7.07 9.48
C LEU B 34 0.92 5.96 10.12
N GLN B 35 1.12 4.71 9.71
CA GLN B 35 0.46 3.60 10.39
C GLN B 35 0.89 3.51 11.85
N GLU B 36 2.10 3.97 12.18
CA GLU B 36 2.65 3.77 13.50
C GLU B 36 1.80 4.42 14.58
N PRO B 37 1.97 4.01 15.84
CA PRO B 37 1.09 4.51 16.91
C PRO B 37 1.32 5.98 17.23
N THR B 38 0.56 6.49 18.20
CA THR B 38 0.67 7.89 18.62
C THR B 38 0.52 8.01 20.14
N ASP B 43 -5.80 15.66 22.98
CA ASP B 43 -6.01 17.10 23.12
C ASP B 43 -6.30 17.74 21.77
N GLN B 44 -5.28 17.81 20.92
CA GLN B 44 -5.38 18.49 19.63
C GLN B 44 -5.96 17.54 18.58
N PRO B 45 -6.36 18.08 17.43
CA PRO B 45 -6.94 17.22 16.38
C PRO B 45 -5.90 16.22 15.85
N ALA B 46 -6.36 15.00 15.63
CA ALA B 46 -5.49 13.97 15.07
C ALA B 46 -5.18 14.24 13.61
N ALA B 47 -6.09 14.91 12.90
CA ALA B 47 -5.87 15.20 11.49
C ALA B 47 -4.72 16.19 11.29
N PHE B 48 -4.68 17.25 12.09
CA PHE B 48 -3.59 18.23 11.93
C PHE B 48 -2.24 17.59 12.22
N GLY B 49 -2.16 16.77 13.26
CA GLY B 49 -0.91 16.07 13.54
C GLY B 49 -0.52 15.14 12.41
N LEU B 50 -1.48 14.36 11.91
CA LEU B 50 -1.19 13.46 10.80
C LEU B 50 -0.70 14.23 9.58
N LEU B 51 -1.30 15.40 9.31
CA LEU B 51 -0.87 16.22 8.19
C LEU B 51 0.55 16.72 8.38
N CYS B 52 0.90 17.14 9.60
CA CYS B 52 2.25 17.61 9.86
C CYS B 52 3.27 16.50 9.65
N ARG B 53 2.96 15.30 10.14
CA ARG B 53 3.88 14.17 9.96
C ARG B 53 3.98 13.79 8.49
N MET B 54 2.88 13.86 7.76
CA MET B 54 2.91 13.67 6.31
C MET B 54 3.87 14.66 5.67
N ALA B 55 3.74 15.94 6.03
CA ALA B 55 4.55 17.00 5.44
C ALA B 55 6.03 16.73 5.64
N ASP B 56 6.42 16.37 6.86
CA ASP B 56 7.86 16.22 7.04
C ASP B 56 8.37 14.83 6.65
N GLN B 57 7.51 13.82 6.45
CA GLN B 57 7.95 12.63 5.72
C GLN B 57 8.26 12.99 4.27
N THR B 58 7.40 13.80 3.64
CA THR B 58 7.70 14.35 2.34
C THR B 58 9.05 15.06 2.35
N PHE B 59 9.30 15.82 3.42
CA PHE B 59 10.58 16.54 3.50
C PHE B 59 11.76 15.57 3.62
N ILE B 60 11.59 14.47 4.36
CA ILE B 60 12.67 13.50 4.49
C ILE B 60 12.97 12.86 3.15
N SER B 61 11.92 12.53 2.39
CA SER B 61 12.15 11.99 1.06
C SER B 61 12.88 13.00 0.18
N ILE B 62 12.53 14.28 0.31
CA ILE B 62 13.22 15.33 -0.45
C ILE B 62 14.68 15.41 -0.05
N VAL B 63 14.97 15.27 1.25
CA VAL B 63 16.34 15.34 1.73
C VAL B 63 17.16 14.18 1.18
N ASP B 64 16.55 12.99 1.12
CA ASP B 64 17.27 11.85 0.57
C ASP B 64 17.52 12.02 -0.93
N TRP B 65 16.52 12.54 -1.66
CA TRP B 65 16.72 12.89 -3.06
C TRP B 65 17.94 13.80 -3.22
N ALA B 66 17.98 14.88 -2.43
CA ALA B 66 19.12 15.79 -2.49
C ALA B 66 20.42 15.05 -2.19
N ARG B 67 20.42 14.20 -1.17
CA ARG B 67 21.59 13.41 -0.82
C ARG B 67 22.09 12.61 -2.02
N ARG B 68 21.20 12.18 -2.89
CA ARG B 68 21.62 11.39 -4.04
C ARG B 68 22.11 12.23 -5.22
N CYS B 69 21.88 13.53 -5.22
CA CYS B 69 22.08 14.33 -6.42
C CYS B 69 23.55 14.53 -6.77
N MET B 70 23.82 14.56 -8.07
CA MET B 70 25.13 14.98 -8.56
C MET B 70 25.53 16.31 -7.93
N VAL B 71 26.83 16.43 -7.66
CA VAL B 71 27.44 17.63 -7.10
C VAL B 71 27.11 17.72 -5.61
N PHE B 72 25.81 17.77 -5.30
CA PHE B 72 25.41 17.93 -3.91
C PHE B 72 26.03 16.86 -3.02
N LYS B 73 26.14 15.63 -3.52
CA LYS B 73 26.67 14.53 -2.72
C LYS B 73 28.16 14.70 -2.45
N GLU B 74 28.90 15.38 -3.34
CA GLU B 74 30.33 15.55 -3.12
C GLU B 74 30.62 16.59 -2.05
N LEU B 75 29.71 17.54 -1.84
CA LEU B 75 29.97 18.65 -0.93
C LEU B 75 30.09 18.17 0.50
N GLU B 76 30.68 19.04 1.33
CA GLU B 76 30.80 18.80 2.76
C GLU B 76 29.48 19.10 3.47
N VAL B 77 29.27 18.43 4.60
CA VAL B 77 27.95 18.43 5.23
C VAL B 77 27.52 19.86 5.58
N ALA B 78 28.46 20.70 6.04
CA ALA B 78 28.07 22.05 6.43
C ALA B 78 27.43 22.79 5.26
N ASP B 79 27.94 22.55 4.05
CA ASP B 79 27.35 23.19 2.88
C ASP B 79 26.05 22.52 2.46
N GLN B 80 25.98 21.18 2.54
CA GLN B 80 24.71 20.50 2.30
C GLN B 80 23.62 21.07 3.20
N MET B 81 23.97 21.35 4.46
CA MET B 81 23.02 21.88 5.42
C MET B 81 22.67 23.33 5.11
N THR B 82 23.67 24.16 4.76
CA THR B 82 23.35 25.54 4.40
C THR B 82 22.44 25.59 3.18
N LEU B 83 22.68 24.71 2.19
CA LEU B 83 21.83 24.66 1.01
C LEU B 83 20.40 24.25 1.37
N LEU B 84 20.25 23.12 2.06
CA LEU B 84 18.90 22.65 2.39
C LEU B 84 18.18 23.61 3.32
N GLN B 85 18.90 24.29 4.20
CA GLN B 85 18.27 25.24 5.11
C GLN B 85 17.76 26.48 4.39
N ASN B 86 18.25 26.75 3.18
CA ASN B 86 17.85 27.94 2.44
C ASN B 86 16.67 27.70 1.51
N CYS B 87 16.28 26.44 1.29
CA CYS B 87 15.26 26.14 0.28
C CYS B 87 14.34 25.00 0.67
N TRP B 88 14.32 24.57 1.94
CA TRP B 88 13.49 23.43 2.30
C TRP B 88 12.01 23.73 2.05
N SER B 89 11.55 24.90 2.47
CA SER B 89 10.15 25.25 2.29
C SER B 89 9.81 25.41 0.82
N GLU B 90 10.71 26.00 0.04
CA GLU B 90 10.50 26.16 -1.39
C GLU B 90 10.31 24.81 -2.06
N LEU B 91 11.13 23.82 -1.70
CA LEU B 91 10.99 22.50 -2.28
C LEU B 91 9.70 21.84 -1.84
N LEU B 92 9.31 21.98 -0.57
CA LEU B 92 8.03 21.41 -0.14
C LEU B 92 6.87 21.99 -0.95
N VAL B 93 6.82 23.33 -1.05
CA VAL B 93 5.71 23.97 -1.76
C VAL B 93 5.71 23.58 -3.22
N PHE B 94 6.90 23.55 -3.85
CA PHE B 94 6.99 23.20 -5.25
C PHE B 94 6.56 21.76 -5.49
N ASP B 95 6.88 20.86 -4.56
CA ASP B 95 6.45 19.47 -4.71
C ASP B 95 4.93 19.38 -4.63
N HIS B 96 4.32 20.11 -3.68
CA HIS B 96 2.86 20.16 -3.65
C HIS B 96 2.29 20.70 -4.96
N ILE B 97 2.85 21.80 -5.44
CA ILE B 97 2.35 22.43 -6.68
C ILE B 97 2.46 21.45 -7.85
N TYR B 98 3.62 20.80 -8.00
CA TYR B 98 3.76 19.89 -9.13
C TYR B 98 2.92 18.64 -8.97
N ARG B 99 2.59 18.26 -7.72
CA ARG B 99 1.62 17.20 -7.50
C ARG B 99 0.26 17.61 -8.05
N GLN B 100 -0.16 18.85 -7.78
CA GLN B 100 -1.43 19.32 -8.33
C GLN B 100 -1.37 19.45 -9.86
N VAL B 101 -0.19 19.75 -10.40
CA VAL B 101 -0.06 19.93 -11.85
C VAL B 101 -0.09 18.58 -12.57
N GLN B 102 0.47 17.55 -11.94
CA GLN B 102 0.65 16.26 -12.60
C GLN B 102 -0.57 15.37 -12.52
N HIS B 103 -1.36 15.47 -11.44
CA HIS B 103 -2.45 14.53 -11.23
C HIS B 103 -3.71 15.23 -10.74
N GLY B 104 -3.54 16.21 -9.86
CA GLY B 104 -4.65 16.83 -9.19
C GLY B 104 -5.80 17.26 -10.06
N LYS B 105 -7.02 16.96 -9.61
CA LYS B 105 -8.21 17.59 -10.16
C LYS B 105 -8.27 19.05 -9.72
N GLU B 106 -9.09 19.84 -10.40
CA GLU B 106 -9.33 21.21 -10.00
C GLU B 106 -10.73 21.31 -9.40
N GLY B 107 -10.86 22.10 -8.34
CA GLY B 107 -11.89 21.91 -7.35
C GLY B 107 -11.45 21.02 -6.21
N SER B 108 -10.20 20.56 -6.23
CA SER B 108 -9.68 19.57 -5.29
C SER B 108 -8.16 19.66 -5.30
N ILE B 109 -7.56 19.42 -4.14
CA ILE B 109 -6.11 19.35 -4.03
C ILE B 109 -5.72 17.95 -3.58
N LEU B 110 -4.63 17.44 -4.14
CA LEU B 110 -4.17 16.09 -3.87
C LEU B 110 -2.98 16.14 -2.92
N LEU B 111 -2.98 15.24 -1.94
CA LEU B 111 -1.89 15.12 -1.00
C LEU B 111 -0.98 13.96 -1.41
N VAL B 112 0.21 13.92 -0.82
CA VAL B 112 1.15 12.86 -1.13
C VAL B 112 0.56 11.51 -0.76
N THR B 113 -0.35 11.49 0.22
CA THR B 113 -0.99 10.23 0.61
C THR B 113 -1.87 9.66 -0.49
N GLY B 114 -2.30 10.47 -1.44
CA GLY B 114 -3.35 10.11 -2.37
C GLY B 114 -4.73 10.58 -1.95
N GLN B 115 -4.84 11.16 -0.75
CA GLN B 115 -6.11 11.71 -0.29
C GLN B 115 -6.41 13.03 -1.00
N GLU B 116 -7.70 13.25 -1.27
CA GLU B 116 -8.15 14.48 -1.90
C GLU B 116 -8.88 15.35 -0.90
N VAL B 117 -8.72 16.66 -1.04
CA VAL B 117 -9.40 17.63 -0.19
C VAL B 117 -9.99 18.69 -1.11
N GLU B 118 -11.31 18.78 -1.15
CA GLU B 118 -11.96 19.78 -1.98
C GLU B 118 -11.75 21.17 -1.40
N LEU B 119 -11.62 22.17 -2.29
CA LEU B 119 -11.42 23.53 -1.82
C LEU B 119 -12.58 23.97 -0.93
N THR B 120 -13.77 23.38 -1.11
CA THR B 120 -14.88 23.65 -0.19
C THR B 120 -14.48 23.31 1.24
N THR B 121 -13.88 22.14 1.43
CA THR B 121 -13.45 21.73 2.77
C THR B 121 -12.45 22.72 3.34
N VAL B 122 -11.51 23.18 2.51
CA VAL B 122 -10.50 24.12 2.99
C VAL B 122 -11.16 25.42 3.41
N ALA B 123 -12.00 25.99 2.54
CA ALA B 123 -12.70 27.22 2.86
C ALA B 123 -13.51 27.08 4.14
N THR B 124 -14.09 25.90 4.39
CA THR B 124 -14.94 25.76 5.56
C THR B 124 -14.12 25.57 6.83
N GLN B 125 -13.02 24.83 6.74
CA GLN B 125 -12.34 24.32 7.92
C GLN B 125 -10.95 24.90 8.14
N ALA B 126 -10.35 25.53 7.13
CA ALA B 126 -9.05 26.15 7.28
C ALA B 126 -9.19 27.60 7.74
N GLY B 127 -8.17 28.07 8.44
CA GLY B 127 -8.13 29.47 8.82
C GLY B 127 -7.86 30.37 7.62
N SER B 128 -7.92 31.68 7.88
CA SER B 128 -7.68 32.66 6.84
C SER B 128 -6.38 32.36 6.09
N LEU B 129 -5.29 32.20 6.83
CA LEU B 129 -3.97 32.12 6.21
C LEU B 129 -3.83 30.87 5.36
N LEU B 130 -4.14 29.69 5.92
CA LEU B 130 -3.96 28.46 5.17
C LEU B 130 -4.88 28.41 3.95
N HIS B 131 -6.07 28.98 4.07
CA HIS B 131 -6.95 29.09 2.91
C HIS B 131 -6.29 29.91 1.81
N SER B 132 -5.75 31.08 2.17
CA SER B 132 -5.07 31.90 1.18
C SER B 132 -3.87 31.17 0.58
N LEU B 133 -3.14 30.44 1.42
CA LEU B 133 -2.00 29.67 0.94
C LEU B 133 -2.43 28.68 -0.14
N VAL B 134 -3.47 27.91 0.15
CA VAL B 134 -3.93 26.90 -0.79
C VAL B 134 -4.40 27.57 -2.08
N LEU B 135 -5.14 28.66 -1.96
CA LEU B 135 -5.64 29.36 -3.13
C LEU B 135 -4.48 29.85 -4.01
N ARG B 136 -3.48 30.46 -3.39
CA ARG B 136 -2.34 30.97 -4.15
C ARG B 136 -1.57 29.83 -4.80
N ALA B 137 -1.40 28.72 -4.09
CA ALA B 137 -0.74 27.57 -4.66
C ALA B 137 -1.47 27.08 -5.91
N GLN B 138 -2.79 27.00 -5.85
CA GLN B 138 -3.55 26.57 -7.03
C GLN B 138 -3.48 27.60 -8.15
N GLU B 139 -3.31 28.88 -7.82
CA GLU B 139 -3.07 29.89 -8.85
C GLU B 139 -1.77 29.62 -9.60
N LEU B 140 -0.69 29.35 -8.85
CA LEU B 140 0.57 29.01 -9.48
C LEU B 140 0.46 27.70 -10.26
N VAL B 141 -0.38 26.78 -9.78
CA VAL B 141 -0.62 25.53 -10.50
C VAL B 141 -1.24 25.82 -11.87
N LEU B 142 -2.26 26.69 -11.89
CA LEU B 142 -2.88 27.08 -13.14
C LEU B 142 -1.86 27.71 -14.09
N GLN B 143 -1.02 28.61 -13.54
CA GLN B 143 0.03 29.21 -14.35
C GLN B 143 0.90 28.15 -15.00
N LEU B 144 1.40 27.21 -14.20
CA LEU B 144 2.33 26.20 -14.71
C LEU B 144 1.66 25.29 -15.72
N LEU B 145 0.39 24.99 -15.52
CA LEU B 145 -0.35 24.22 -16.53
C LEU B 145 -0.42 25.00 -17.84
N ALA B 146 -0.69 26.30 -17.77
CA ALA B 146 -0.82 27.10 -18.98
C ALA B 146 0.48 27.10 -19.78
N LEU B 147 1.61 27.08 -19.07
CA LEU B 147 2.96 27.04 -19.65
C LEU B 147 3.41 25.65 -20.05
N GLN B 148 2.58 24.63 -19.85
CA GLN B 148 2.91 23.26 -20.22
C GLN B 148 4.20 22.76 -19.57
N LEU B 149 4.30 22.91 -18.25
CA LEU B 149 5.47 22.41 -17.55
C LEU B 149 5.48 20.89 -17.55
N ASP B 150 6.65 20.31 -17.84
CA ASP B 150 6.79 18.87 -17.94
C ASP B 150 7.79 18.35 -16.91
N ARG B 151 7.99 17.03 -16.91
CA ARG B 151 8.76 16.37 -15.85
C ARG B 151 10.23 16.78 -15.91
N GLN B 152 10.79 16.87 -17.12
CA GLN B 152 12.17 17.31 -17.29
C GLN B 152 12.39 18.67 -16.66
N GLU B 153 11.53 19.64 -17.01
CA GLU B 153 11.63 20.97 -16.43
C GLU B 153 11.39 20.93 -14.94
N PHE B 154 10.50 20.06 -14.46
CA PHE B 154 10.23 19.98 -13.03
C PHE B 154 11.49 19.58 -12.26
N VAL B 155 12.16 18.51 -12.71
CA VAL B 155 13.35 18.05 -12.00
C VAL B 155 14.47 19.06 -12.13
N CYS B 156 14.56 19.75 -13.26
CA CYS B 156 15.61 20.76 -13.40
C CYS B 156 15.33 21.96 -12.50
N LEU B 157 14.07 22.37 -12.38
CA LEU B 157 13.72 23.46 -11.49
C LEU B 157 13.93 23.08 -10.03
N LYS B 158 13.70 21.82 -9.68
CA LYS B 158 14.05 21.33 -8.36
C LYS B 158 15.54 21.52 -8.10
N PHE B 159 16.37 21.07 -9.04
CA PHE B 159 17.81 21.23 -8.90
C PHE B 159 18.19 22.70 -8.74
N ILE B 160 17.64 23.57 -9.60
CA ILE B 160 17.95 24.99 -9.54
C ILE B 160 17.57 25.57 -8.18
N ILE B 161 16.41 25.19 -7.65
CA ILE B 161 16.00 25.61 -6.32
C ILE B 161 17.06 25.19 -5.30
N LEU B 162 17.45 23.92 -5.33
CA LEU B 162 18.39 23.40 -4.35
C LEU B 162 19.62 24.28 -4.26
N PHE B 163 20.20 24.62 -5.42
CA PHE B 163 21.47 25.35 -5.48
C PHE B 163 21.28 26.85 -5.65
N SER B 164 20.08 27.37 -5.41
CA SER B 164 19.79 28.77 -5.64
C SER B 164 20.48 29.71 -4.65
N LEU B 165 21.14 29.18 -3.63
CA LEU B 165 21.78 30.03 -2.62
C LEU B 165 23.03 30.69 -3.17
N ASP B 166 23.20 31.97 -2.85
CA ASP B 166 24.39 32.69 -3.30
C ASP B 166 25.65 32.08 -2.69
N LEU B 167 26.71 32.02 -3.49
CA LEU B 167 27.93 31.32 -3.09
C LEU B 167 28.59 31.97 -1.88
N LYS B 168 28.26 33.23 -1.61
CA LYS B 168 28.78 33.94 -0.43
C LYS B 168 28.70 33.10 0.82
N PHE B 169 27.63 32.32 0.98
CA PHE B 169 27.37 31.57 2.20
C PHE B 169 27.93 30.15 2.15
N LEU B 170 28.77 29.82 1.17
CA LEU B 170 29.25 28.47 0.99
C LEU B 170 30.75 28.37 1.23
N ASN B 171 31.17 27.19 1.71
CA ASN B 171 32.58 26.86 1.86
C ASN B 171 33.21 26.36 0.57
N ASN B 172 32.43 26.11 -0.48
CA ASN B 172 32.95 25.58 -1.73
C ASN B 172 32.19 26.28 -2.86
N HIS B 173 32.73 27.44 -3.28
CA HIS B 173 32.12 28.20 -4.36
C HIS B 173 32.14 27.41 -5.67
N ILE B 174 33.27 26.80 -5.97
CA ILE B 174 33.58 26.24 -7.29
C ILE B 174 32.40 25.40 -7.78
N LEU B 175 32.19 24.27 -7.12
CA LEU B 175 31.20 23.31 -7.59
C LEU B 175 29.79 23.86 -7.47
N VAL B 176 29.52 24.72 -6.48
CA VAL B 176 28.17 25.22 -6.32
C VAL B 176 27.78 26.10 -7.49
N LYS B 177 28.69 26.97 -7.95
CA LYS B 177 28.32 27.80 -9.11
C LYS B 177 28.38 27.01 -10.41
N ASP B 178 29.30 26.05 -10.51
CA ASP B 178 29.25 25.12 -11.63
C ASP B 178 27.86 24.50 -11.75
N ALA B 179 27.35 24.00 -10.62
CA ALA B 179 26.01 23.43 -10.58
C ALA B 179 24.96 24.45 -10.96
N GLN B 180 25.03 25.65 -10.38
CA GLN B 180 24.05 26.69 -10.67
C GLN B 180 23.89 26.88 -12.16
N GLU B 181 24.98 27.24 -12.83
CA GLU B 181 24.82 27.62 -14.22
C GLU B 181 24.76 26.44 -15.17
N LYS B 182 25.21 25.25 -14.78
CA LYS B 182 24.90 24.08 -15.60
C LYS B 182 23.41 23.76 -15.53
N ALA B 183 22.80 23.92 -14.36
CA ALA B 183 21.35 23.73 -14.25
C ALA B 183 20.60 24.73 -15.10
N ASN B 184 21.01 26.00 -15.06
CA ASN B 184 20.32 27.02 -15.87
C ASN B 184 20.54 26.79 -17.36
N ALA B 185 21.75 26.36 -17.74
CA ALA B 185 22.01 26.02 -19.13
C ALA B 185 21.14 24.85 -19.58
N ALA B 186 21.01 23.83 -18.74
CA ALA B 186 20.18 22.68 -19.08
C ALA B 186 18.73 23.10 -19.29
N LEU B 187 18.20 23.92 -18.36
CA LEU B 187 16.82 24.36 -18.48
C LEU B 187 16.61 25.16 -19.76
N LEU B 188 17.50 26.11 -20.05
CA LEU B 188 17.33 26.93 -21.25
C LEU B 188 17.45 26.08 -22.52
N ASP B 189 18.43 25.19 -22.58
CA ASP B 189 18.60 24.33 -23.75
C ASP B 189 17.36 23.50 -23.99
N TYR B 190 16.84 22.88 -22.92
CA TYR B 190 15.64 22.05 -23.07
C TYR B 190 14.44 22.87 -23.50
N THR B 191 14.25 24.05 -22.89
CA THR B 191 13.11 24.88 -23.25
C THR B 191 13.16 25.24 -24.73
N LEU B 192 14.33 25.67 -25.23
CA LEU B 192 14.39 26.14 -26.60
C LEU B 192 14.38 25.01 -27.63
N CYS B 193 14.87 23.83 -27.27
CA CYS B 193 14.89 22.74 -28.22
C CYS B 193 13.55 22.01 -28.27
N HIS B 194 12.85 21.86 -27.13
CA HIS B 194 11.61 21.09 -27.12
C HIS B 194 10.36 21.96 -27.22
N TYR B 195 10.46 23.26 -26.95
CA TYR B 195 9.35 24.19 -27.11
C TYR B 195 9.89 25.44 -27.79
N PRO B 196 10.35 25.32 -29.04
CA PRO B 196 10.99 26.48 -29.69
C PRO B 196 10.06 27.65 -29.91
N HIS B 197 8.76 27.42 -30.05
CA HIS B 197 7.82 28.50 -30.30
C HIS B 197 7.38 29.21 -29.03
N SER B 198 7.72 28.66 -27.86
CA SER B 198 7.58 29.38 -26.58
C SER B 198 8.98 29.86 -26.20
N GLY B 199 9.38 31.01 -26.77
CA GLY B 199 10.70 31.55 -26.55
C GLY B 199 10.89 32.18 -25.18
N ASP B 200 9.81 32.49 -24.48
CA ASP B 200 9.88 33.09 -23.15
C ASP B 200 9.85 32.05 -22.04
N LYS B 201 9.90 30.76 -22.39
CA LYS B 201 9.68 29.69 -21.41
C LYS B 201 10.60 29.82 -20.20
N PHE B 202 11.90 29.95 -20.45
CA PHE B 202 12.90 29.99 -19.40
C PHE B 202 12.59 31.05 -18.35
N GLN B 203 12.44 32.30 -18.80
CA GLN B 203 12.21 33.39 -17.85
C GLN B 203 10.88 33.26 -17.14
N GLN B 204 9.86 32.74 -17.82
CA GLN B 204 8.56 32.54 -17.18
C GLN B 204 8.66 31.52 -16.05
N LEU B 205 9.37 30.41 -16.29
CA LEU B 205 9.52 29.42 -15.24
C LEU B 205 10.32 29.97 -14.07
N LEU B 206 11.31 30.80 -14.34
CA LEU B 206 12.07 31.38 -13.22
C LEU B 206 11.25 32.43 -12.45
N LEU B 207 10.36 33.16 -13.14
CA LEU B 207 9.46 34.03 -12.42
C LEU B 207 8.52 33.23 -11.52
N CYS B 208 7.99 32.12 -12.03
CA CYS B 208 7.14 31.29 -11.17
C CYS B 208 7.95 30.72 -10.01
N LEU B 209 9.26 30.52 -10.20
CA LEU B 209 10.10 30.15 -9.05
C LEU B 209 10.14 31.26 -8.01
N VAL B 210 10.24 32.51 -8.46
CA VAL B 210 10.18 33.65 -7.54
C VAL B 210 8.86 33.60 -6.75
N GLU B 211 7.76 33.37 -7.46
CA GLU B 211 6.46 33.29 -6.82
C GLU B 211 6.40 32.14 -5.83
N VAL B 212 7.03 31.02 -6.18
CA VAL B 212 7.07 29.87 -5.26
C VAL B 212 7.81 30.26 -3.99
N ARG B 213 8.89 31.02 -4.12
CA ARG B 213 9.64 31.43 -2.94
C ARG B 213 8.81 32.33 -2.03
N ALA B 214 8.07 33.28 -2.62
CA ALA B 214 7.20 34.13 -1.82
C ALA B 214 6.14 33.29 -1.09
N LEU B 215 5.47 32.40 -1.81
CA LEU B 215 4.48 31.53 -1.20
C LEU B 215 5.08 30.69 -0.08
N SER B 216 6.33 30.25 -0.23
CA SER B 216 6.94 29.40 0.77
C SER B 216 7.30 30.17 2.02
N MET B 217 7.64 31.45 1.90
CA MET B 217 7.85 32.23 3.11
C MET B 217 6.52 32.54 3.80
N GLN B 218 5.45 32.69 3.02
CA GLN B 218 4.11 32.75 3.64
C GLN B 218 3.81 31.46 4.42
N ALA B 219 4.13 30.30 3.83
CA ALA B 219 3.94 29.04 4.53
C ALA B 219 4.74 29.01 5.83
N LYS B 220 5.95 29.56 5.80
CA LYS B 220 6.74 29.65 7.03
C LYS B 220 6.02 30.50 8.07
N GLU B 221 5.39 31.59 7.64
CA GLU B 221 4.61 32.42 8.57
C GLU B 221 3.49 31.61 9.19
N TYR B 222 2.83 30.78 8.39
CA TYR B 222 1.78 29.91 8.92
C TYR B 222 2.35 28.97 9.98
N LEU B 223 3.51 28.36 9.70
CA LEU B 223 4.11 27.44 10.65
C LEU B 223 4.51 28.16 11.93
N TYR B 224 5.01 29.39 11.81
CA TYR B 224 5.35 30.17 13.00
C TYR B 224 4.11 30.46 13.82
N HIS B 225 3.03 30.87 13.15
CA HIS B 225 1.76 31.09 13.83
C HIS B 225 1.36 29.88 14.64
N LYS B 226 1.40 28.70 14.02
CA LYS B 226 1.00 27.48 14.73
C LYS B 226 1.99 27.15 15.85
N HIS B 227 3.27 27.50 15.68
CA HIS B 227 4.27 27.20 16.70
C HIS B 227 4.06 28.05 17.95
N LEU B 228 3.75 29.34 17.76
CA LEU B 228 3.50 30.21 18.90
C LEU B 228 2.31 29.73 19.72
N GLY B 229 1.33 29.12 19.06
CA GLY B 229 0.16 28.61 19.75
C GLY B 229 0.32 27.25 20.37
N ASN B 230 1.49 26.63 20.20
CA ASN B 230 1.75 25.30 20.74
C ASN B 230 0.78 24.27 20.17
N GLU B 231 0.41 24.45 18.90
CA GLU B 231 -0.55 23.58 18.23
C GLU B 231 0.11 22.51 17.36
N MET B 232 1.43 22.41 17.35
CA MET B 232 2.08 21.42 16.50
C MET B 232 2.89 20.43 17.33
N PRO B 233 3.16 19.24 16.77
CA PRO B 233 3.80 18.19 17.58
C PRO B 233 5.16 18.61 18.10
N ARG B 234 5.54 17.99 19.21
CA ARG B 234 6.85 18.25 19.80
C ARG B 234 7.97 17.72 18.91
N ASN B 235 7.67 16.71 18.09
CA ASN B 235 8.67 16.04 17.27
C ASN B 235 8.76 16.61 15.86
N ASN B 236 8.09 17.72 15.59
CA ASN B 236 7.91 18.15 14.22
C ASN B 236 9.21 18.64 13.62
N LEU B 237 9.52 18.15 12.41
CA LEU B 237 10.78 18.46 11.76
C LEU B 237 10.76 19.86 11.17
N LEU B 238 9.63 20.26 10.61
CA LEU B 238 9.56 21.55 9.93
C LEU B 238 9.85 22.70 10.88
N ILE B 239 9.32 22.63 12.12
CA ILE B 239 9.58 23.73 13.05
C ILE B 239 11.03 23.72 13.50
N GLU B 240 11.71 22.56 13.49
CA GLU B 240 13.13 22.57 13.79
C GLU B 240 13.93 23.19 12.65
N MET B 241 13.52 22.92 11.41
CA MET B 241 14.11 23.61 10.27
C MET B 241 13.82 25.11 10.33
N LEU B 242 12.66 25.48 10.89
CA LEU B 242 12.24 26.86 10.96
C LEU B 242 13.06 27.65 11.98
N GLN B 243 13.59 26.98 12.99
CA GLN B 243 14.36 27.62 14.05
C GLN B 243 15.85 27.71 13.72
N ALA B 244 16.24 27.40 12.49
CA ALA B 244 17.63 27.53 12.06
C ALA B 244 17.95 28.98 11.74
N LYS B 245 18.95 29.21 10.89
CA LYS B 245 19.34 30.56 10.50
C LYS B 245 19.71 31.39 11.73
N GLU C 2 7.23 -37.26 -1.17
CA GLU C 2 6.75 -36.18 -0.32
C GLU C 2 6.64 -34.87 -1.09
N ASN C 3 5.89 -33.92 -0.55
CA ASN C 3 5.65 -32.62 -1.18
C ASN C 3 6.76 -31.67 -0.75
N ALA C 4 7.71 -31.43 -1.66
CA ALA C 4 8.87 -30.60 -1.32
C ALA C 4 8.43 -29.18 -0.99
N LEU C 5 7.43 -28.68 -1.69
CA LEU C 5 6.94 -27.32 -1.45
C LEU C 5 6.34 -27.17 -0.05
N LEU C 6 5.55 -28.15 0.40
CA LEU C 6 5.01 -28.09 1.75
C LEU C 6 6.13 -28.17 2.79
N ARG C 7 7.09 -29.08 2.58
CA ARG C 7 8.24 -29.14 3.48
C ARG C 7 8.93 -27.79 3.55
N TYR C 8 9.05 -27.11 2.40
CA TYR C 8 9.71 -25.82 2.36
C TYR C 8 8.94 -24.79 3.18
N LEU C 9 7.65 -24.61 2.88
CA LEU C 9 6.90 -23.56 3.55
C LEU C 9 6.65 -23.87 5.02
N LEU C 10 6.74 -25.15 5.42
CA LEU C 10 6.65 -25.49 6.84
C LEU C 10 7.99 -25.31 7.55
N ASP C 11 9.11 -25.53 6.85
CA ASP C 11 10.42 -25.45 7.51
C ASP C 11 10.86 -24.01 7.70
N LYS C 12 10.75 -23.18 6.68
CA LYS C 12 10.81 -21.73 6.87
C LYS C 12 10.59 -21.03 5.54
N ASP C 13 10.28 -19.74 5.61
CA ASP C 13 10.12 -18.88 4.44
C ASP C 13 9.29 -19.52 3.34
N GLU D 2 24.09 24.58 13.36
CA GLU D 2 23.81 23.23 12.89
C GLU D 2 22.44 22.74 13.36
N ASN D 3 22.00 21.61 12.78
CA ASN D 3 20.76 20.95 13.15
C ASN D 3 21.07 19.47 13.27
N ALA D 4 20.99 18.93 14.49
CA ALA D 4 21.30 17.52 14.69
C ALA D 4 20.42 16.65 13.80
N LEU D 5 19.12 16.90 13.83
CA LEU D 5 18.18 16.14 13.00
C LEU D 5 18.58 16.16 11.54
N LEU D 6 18.79 17.36 10.99
CA LEU D 6 19.10 17.48 9.57
C LEU D 6 20.31 16.63 9.20
N ARG D 7 21.45 16.90 9.82
CA ARG D 7 22.65 16.17 9.49
C ARG D 7 22.47 14.66 9.71
N TYR D 8 21.68 14.26 10.70
CA TYR D 8 21.36 12.85 10.83
C TYR D 8 20.70 12.33 9.56
N LEU D 9 19.78 13.12 8.98
CA LEU D 9 19.12 12.70 7.74
C LEU D 9 20.12 12.65 6.59
N LEU D 10 21.12 13.52 6.60
CA LEU D 10 22.30 13.30 5.78
C LEU D 10 23.03 12.09 6.34
N ASP D 11 24.25 11.82 5.86
CA ASP D 11 25.03 10.74 6.43
C ASP D 11 24.32 9.40 6.26
N LYS D 12 23.88 8.80 7.36
CA LYS D 12 23.19 7.50 7.32
C LYS D 12 24.03 6.45 6.61
C10 IUW E . -8.54 -17.01 -6.70
C13 IUW E . -11.63 -15.83 -8.47
C15 IUW E . -11.88 -14.21 -10.37
C17 IUW E . -12.23 -13.26 -12.66
C20 IUW E . -10.87 -13.72 -16.04
C21 IUW E . -11.20 -14.90 -16.87
C22 IUW E . -10.03 -15.94 -16.93
C26 IUW E . -11.80 -18.78 -7.34
C28 IUW E . -13.93 -19.32 -6.35
C01 IUW E . -8.81 -20.47 -8.27
C02 IUW E . -8.54 -19.20 -8.20
C03 IUW E . -7.60 -18.68 -9.24
C04 IUW E . -7.79 -17.47 -9.92
C05 IUW E . -6.92 -17.04 -10.88
C06 IUW E . -5.81 -17.77 -11.22
C07 IUW E . -5.61 -18.95 -10.57
C08 IUW E . -6.49 -19.40 -9.62
C09 IUW E . -9.23 -18.36 -7.09
C11 IUW E . -9.46 -15.92 -7.26
C12 IUW E . -10.57 -16.67 -7.91
C14 IUW E . -10.95 -15.06 -9.63
C16 IUW E . -11.21 -13.62 -11.58
C18 IUW E . -11.57 -12.67 -13.85
C19 IUW E . -12.04 -13.31 -15.13
C25 IUW E . -10.62 -17.93 -7.49
C27 IUW E . -12.83 -18.49 -6.47
C29 IUW E . -14.04 -20.46 -7.08
C30 IUW E . -13.03 -20.76 -7.95
C31 IUW E . -11.93 -19.95 -8.08
C32 IUW E . -8.51 -16.96 -5.14
C38 IUW E . -9.52 -18.03 -4.74
C39 IUW E . -9.30 -19.09 -5.75
N33 IUW E . -8.74 -15.69 -4.44
N36 IUW E . -7.03 -14.39 -5.72
O23 IUW E . -10.17 -16.93 -17.71
O24 IUW E . -9.03 -15.71 -16.23
O35 IUW E . -6.74 -14.80 -3.33
O37 IUW E . -8.47 -13.21 -4.15
S34 IUW E . -7.72 -14.42 -4.27
H101 IUW E . -7.64 -16.95 -7.05
H132 IUW E . -12.01 -15.23 -7.80
H131 IUW E . -12.39 -16.35 -8.76
H152 IUW E . -12.23 -13.51 -9.80
H151 IUW E . -12.67 -14.72 -10.62
H171 IUW E . -12.90 -12.67 -12.27
H172 IUW E . -12.77 -14.04 -12.87
H202 IUW E . -10.08 -13.89 -15.50
H201 IUW E . -10.61 -12.98 -16.60
H212 IUW E . -12.01 -15.31 -16.53
H211 IUW E . -11.45 -14.60 -17.76
H281 IUW E . -14.62 -19.11 -5.75
H012 IUW E . -9.38 -20.94 -7.71
H011 IUW E . -8.46 -21.07 -8.90
H041 IUW E . -8.53 -16.93 -9.75
H051 IUW E . -7.06 -16.22 -11.32
H061 IUW E . -5.21 -17.48 -11.87
H071 IUW E . -4.87 -19.47 -10.79
H081 IUW E . -6.31 -20.22 -9.22
H112 IUW E . -9.01 -15.34 -7.91
H111 IUW E . -9.80 -15.31 -6.60
H141 IUW E . -10.51 -15.67 -10.25
H142 IUW E . -10.21 -14.52 -9.31
H162 IUW E . -10.67 -12.86 -11.36
H161 IUW E . -10.55 -14.25 -11.95
H182 IUW E . -11.72 -11.71 -13.88
H181 IUW E . -10.61 -12.74 -13.77
H191 IUW E . -12.65 -12.72 -15.59
H192 IUW E . -12.59 -14.09 -14.91
H271 IUW E . -12.81 -17.72 -5.94
H291 IUW E . -14.78 -21.02 -7.00
H301 IUW E . -13.08 -21.54 -8.46
H311 IUW E . -11.25 -20.18 -8.67
H321 IUW E . -7.61 -17.24 -4.90
H381 IUW E . -9.39 -18.34 -3.82
H382 IUW E . -10.43 -17.69 -4.73
H391 IUW E . -8.48 -19.58 -5.56
H392 IUW E . -10.00 -19.75 -5.72
H331 IUW E . -9.53 -15.68 -4.11
H362 IUW E . -6.32 -14.84 -5.92
H361 IUW E . -7.41 -14.17 -6.45
C2 PEF F . -10.55 -15.40 -16.93
C1 PEF F . -10.47 -16.08 -18.33
N PEF F . -10.74 -19.30 -23.02
C3 PEF F . -9.11 -15.34 -16.47
C4 PEF F . -10.87 -18.90 -20.65
C5 PEF F . -10.04 -18.68 -21.89
C10 PEF F . -11.83 -13.64 -15.98
C11 PEF F . -11.12 -12.92 -14.89
C12 PEF F . -12.12 -12.57 -13.74
C13 PEF F . -11.40 -12.64 -12.43
C14 PEF F . -11.87 -13.88 -11.64
C15 PEF F . -11.38 -13.77 -10.24
C16 PEF F . -11.81 -14.97 -9.42
C17 PEF F . -10.64 -15.91 -9.07
C18 PEF F . -10.60 -16.18 -7.59
C19 PEF F . -9.18 -15.94 -7.01
C20 PEF F . -9.24 -15.76 -5.51
C21 PEF F . -8.73 -16.99 -4.76
C22 PEF F . -9.53 -18.27 -5.07
C23 PEF F . -8.57 -19.44 -5.29
C24 PEF F . -9.13 -20.77 -4.80
C25 PEF F . -8.40 -21.95 -5.40
C30 PEF F . -8.25 -15.61 -14.39
C31 PEF F . -8.80 -16.82 -13.72
C32 PEF F . -8.52 -16.90 -12.24
C33 PEF F . -7.07 -16.60 -12.00
C34 PEF F . -6.63 -17.04 -10.61
C35 PEF F . -5.84 -18.33 -10.71
C36 PEF F . -6.23 -19.22 -9.58
C37 PEF F . -7.53 -19.97 -9.90
C38 PEF F . -7.87 -20.77 -8.71
C39 PEF F . -9.25 -21.42 -8.81
C40 PEF F . -10.29 -20.34 -9.10
C41 PEF F . -11.48 -20.55 -8.16
C42 PEF F . -12.49 -19.43 -8.28
C43 PEF F . -12.81 -18.83 -6.91
C44 PEF F . -14.08 -19.45 -6.30
C45 PEF F . -14.16 -20.99 -6.55
O4 PEF F . -13.03 -13.86 -16.02
O5 PEF F . -7.09 -15.21 -14.27
O2 PEF F . -10.99 -14.06 -17.02
O3 PEF F . -9.05 -14.91 -15.14
O1P PEF F . -11.83 -19.63 -17.88
O2P PEF F . -9.42 -18.71 -17.17
O3P PEF F . -11.23 -17.21 -18.31
O4P PEF F . -10.08 -19.02 -19.57
P PEF F . -10.62 -18.79 -18.06
H21 PEF F . -11.13 -15.87 -16.31
H11 PEF F . -10.77 -15.45 -19.01
H12 PEF F . -9.56 -16.25 -18.57
HN1 PEF F . -11.57 -19.03 -23.09
HN2 PEF F . -10.73 -20.20 -22.94
H31 PEF F . -8.60 -14.75 -17.04
H32 PEF F . -8.70 -16.22 -16.54
H41 PEF F . -11.48 -18.15 -20.52
H42 PEF F . -11.43 -19.68 -20.73
H51 PEF F . -9.15 -19.03 -21.76
H52 PEF F . -9.90 -17.72 -22.03
H112 PEF F . -10.38 -13.46 -14.57
H111 PEF F . -10.70 -12.13 -15.26
H122 PEF F . -12.89 -13.15 -13.73
H121 PEF F . -12.51 -11.68 -13.86
H132 PEF F . -11.54 -11.82 -11.92
H131 PEF F . -10.44 -12.65 -12.57
H142 PEF F . -11.56 -14.71 -12.03
H141 PEF F . -12.83 -13.97 -11.64
H152 PEF F . -11.71 -12.95 -9.84
H151 PEF F . -10.42 -13.69 -10.23
H162 PEF F . -12.51 -15.43 -9.90
H161 PEF F . -12.25 -14.64 -8.61
H172 PEF F . -10.71 -16.74 -9.55
H171 PEF F . -9.79 -15.53 -9.35
H182 PEF F . -11.27 -15.63 -7.15
H181 PEF F . -10.91 -17.09 -7.43
H192 PEF F . -8.58 -16.66 -7.22
H191 PEF F . -8.75 -15.17 -7.41
H202 PEF F . -8.72 -14.98 -5.25
H201 PEF F . -10.14 -15.54 -5.23
H212 PEF F . -7.79 -17.13 -4.99
H211 PEF F . -8.75 -16.81 -3.81
H222 PEF F . -10.09 -18.15 -5.85
H221 PEF F . -10.13 -18.48 -4.35
H232 PEF F . -7.72 -19.25 -4.87
H231 PEF F . -8.35 -19.49 -6.24
H242 PEF F . -9.10 -20.82 -3.84
H241 PEF F . -10.07 -20.84 -5.00
H252 PEF F . -8.97 -22.52 -5.94
H251 PEF F . -8.00 -22.53 -4.73
H253 PEF F . -7.66 -21.69 -5.99
H312 PEF F . -8.43 -17.60 -14.19
H311 PEF F . -9.74 -16.86 -13.91
H322 PEF F . -8.78 -17.77 -11.90
H321 PEF F . -9.10 -16.28 -11.76
H332 PEF F . -6.90 -15.66 -12.13
H331 PEF F . -6.53 -17.03 -12.69
H342 PEF F . -6.11 -16.34 -10.20
H341 PEF F . -7.40 -17.14 -10.04
H352 PEF F . -6.00 -18.79 -11.55
H351 PEF F . -4.89 -18.18 -10.71
H362 PEF F . -5.50 -19.83 -9.38
H361 PEF F . -6.31 -18.69 -8.78
H372 PEF F . -7.45 -20.56 -10.67
H371 PEF F . -8.27 -19.38 -10.12
H382 PEF F . -7.19 -21.44 -8.58
H381 PEF F . -7.82 -20.19 -7.93
H392 PEF F . -9.44 -21.89 -7.99
H391 PEF F . -9.25 -22.10 -9.50
H402 PEF F . -10.56 -20.37 -10.03
H401 PEF F . -9.90 -19.46 -8.99
H412 PEF F . -11.15 -20.63 -7.25
H411 PEF F . -11.89 -21.40 -8.36
H422 PEF F . -12.14 -18.75 -8.88
H421 PEF F . -13.28 -19.75 -8.72
H432 PEF F . -12.91 -17.87 -6.98
H431 PEF F . -12.05 -18.95 -6.30
H442 PEF F . -14.87 -19.01 -6.66
H441 PEF F . -14.11 -19.27 -5.34
H452 PEF F . -14.78 -21.44 -5.96
H451 PEF F . -14.45 -21.21 -7.45
H453 PEF F . -13.31 -21.44 -6.44
C10 IUW G . 1.36 20.18 3.27
C13 IUW G . -1.97 21.53 2.25
C15 IUW G . -4.31 21.12 3.07
C17 IUW G . -6.49 21.16 4.31
C20 IUW G . -7.77 21.52 7.56
C21 IUW G . -7.87 22.93 8.01
C22 IUW G . -6.94 23.21 9.24
C26 IUW G . 0.37 23.49 1.85
C28 IUW G . -0.08 24.67 -0.19
C01 IUW G . 2.85 23.31 4.70
C02 IUW G . 1.98 22.35 4.63
C03 IUW G . 1.37 21.92 5.90
C04 IUW G . 0.01 22.00 6.14
C05 IUW G . -0.54 21.61 7.34
C06 IUW G . 0.24 21.14 8.36
C07 IUW G . 1.59 21.08 8.15
C08 IUW G . 2.13 21.45 6.95
C09 IUW G . 1.65 21.73 3.28
C11 IUW G . -0.16 20.07 3.10
C12 IUW G . -0.62 21.43 2.80
C14 IUW G . -2.90 21.28 3.47
C16 IUW G . -5.09 20.58 4.24
C18 IUW G . -7.31 20.43 5.32
C19 IUW G . -8.22 21.34 6.11
C25 IUW G . 0.39 22.29 2.66
C27 IUW G . -0.09 23.52 0.54
C29 IUW G . 0.39 25.84 0.33
C30 IUW G . 0.86 25.84 1.62
C31 IUW G . 0.86 24.69 2.36
C32 IUW G . 2.23 19.56 2.18
C38 IUW G . 2.57 20.74 1.29
C39 IUW G . 2.75 21.86 2.24
N33 IUW G . 1.71 18.43 1.42
N36 IUW G . 1.34 16.56 3.02
O23 IUW G . -6.78 24.41 9.59
O24 IUW G . -6.41 22.21 9.78
O35 IUW G . 3.43 16.72 1.75
O37 IUW G . 1.27 16.08 0.67
S34 IUW G . 2.01 16.84 1.62
H101 IUW G . 1.62 19.75 4.11
H132 IUW G . -2.14 22.40 1.85
H131 IUW G . -2.13 20.90 1.54
H152 IUW G . -4.39 20.54 2.30
H151 IUW G . -4.68 21.96 2.77
H171 IUW G . -6.89 21.15 3.43
H172 IUW G . -6.44 22.10 4.49
H202 IUW G . -8.29 20.94 8.14
H201 IUW G . -6.86 21.19 7.66
H212 IUW G . -8.79 23.14 8.21
H211 IUW G . -7.66 23.52 7.26
H281 IUW G . -0.41 24.67 -1.07
H012 IUW G . 3.31 23.69 3.98
H011 IUW G . 3.12 23.75 5.47
H041 IUW G . -0.58 22.31 5.49
H051 IUW G . -1.47 21.66 7.47
H061 IUW G . -0.13 20.87 9.16
H071 IUW G . 2.13 20.75 8.84
H081 IUW G . 3.06 21.40 6.87
H112 IUW G . -0.41 19.45 2.40
H111 IUW G . -0.61 19.71 3.88
H141 IUW G . -2.62 20.50 3.97
H142 IUW G . -2.83 21.99 4.12
H162 IUW G . -4.62 20.74 5.08
H161 IUW G . -5.12 19.61 4.22
H182 IUW G . -6.74 19.93 5.92
H181 IUW G . -7.84 19.73 4.88
H191 IUW G . -8.27 22.20 5.66
H192 IUW G . -9.13 21.01 6.06
H271 IUW G . -0.41 22.74 0.15
H291 IUW G . 0.39 26.62 -0.17
H301 IUW G . 1.19 26.62 1.99
H311 IUW G . 1.19 24.71 3.23
H321 IUW G . 3.04 19.25 2.62
H381 IUW G . 3.36 20.56 0.75
H382 IUW G . 1.87 20.90 0.64
H391 IUW G . 2.72 22.71 1.77
H392 IUW G . 3.63 21.82 2.65
H331 IUW G . 1.18 18.71 0.81
H362 IUW G . 1.44 17.04 3.72
H361 IUW G . 0.65 16.08 3.14
C2 PEF H . -6.80 22.29 9.18
C1 PEF H . -6.83 23.39 10.27
N PEF H . -8.83 25.52 13.57
C3 PEF H . -7.91 22.62 8.20
C4 PEF H . -7.77 27.12 12.00
C5 PEF H . -9.08 26.70 12.71
C10 PEF H . -4.70 21.37 8.60
C11 PEF H . -3.59 21.38 7.64
C12 PEF H . -2.32 20.87 8.37
C13 PEF H . -1.09 21.05 7.54
C14 PEF H . 0.15 21.11 8.49
C15 PEF H . 1.36 20.63 7.77
C16 PEF H . 2.16 21.76 7.14
C17 PEF H . 1.35 22.51 6.08
C18 PEF H . 2.22 22.95 4.93
C19 PEF H . 2.06 24.48 4.66
C20 PEF H . 0.61 24.82 4.32
C21 PEF H . 0.43 25.10 2.83
C22 PEF H . 0.92 23.96 1.92
C23 PEF H . 0.20 23.91 0.56
C24 PEF H . -0.16 25.29 0.03
C25 PEF H . 1.07 26.15 -0.19
C30 PEF H . -8.62 21.47 6.32
C31 PEF H . -8.32 20.27 5.51
C32 PEF H . -6.83 20.08 5.26
C33 PEF H . -6.36 21.14 4.29
C34 PEF H . -5.29 20.60 3.38
C35 PEF H . -3.94 21.19 3.74
C36 PEF H . -3.16 21.40 2.49
C37 PEF H . -1.70 21.74 2.81
C38 PEF H . -1.01 20.51 3.26
C39 PEF H . 0.30 20.37 2.53
C40 PEF H . 1.01 19.08 2.89
C41 PEF H . 2.00 18.77 1.75
C42 PEF H . 2.79 19.98 1.27
C43 PEF H . 3.54 20.68 2.42
C44 PEF H . 4.12 22.03 1.99
C45 PEF H . 4.89 22.77 3.12
O4 PEF H . -4.83 20.56 9.49
O5 PEF H . -9.03 22.54 5.83
O2 PEF H . -5.60 22.38 8.42
O3 PEF H . -8.47 21.41 7.68
O1P PEF H . -6.16 27.06 9.43
O2P PEF H . -4.65 25.43 10.92
O3P PEF H . -6.69 24.61 9.64
O4P PEF H . -7.03 26.04 11.66
P PEF H . -5.94 25.93 10.38
H21 PEF H . -6.87 21.40 9.56
H11 PEF H . -7.64 23.33 10.79
H12 PEF H . -6.12 23.23 10.92
HN1 PEF H . -7.99 25.53 13.90
HN2 PEF H . -8.99 24.75 13.18
H31 PEF H . -7.56 23.17 7.48
H32 PEF H . -8.60 23.13 8.66
H41 PEF H . -7.97 27.64 11.21
H42 PEF H . -7.25 27.71 12.57
H51 PEF H . -9.42 27.46 13.21
H52 PEF H . -9.75 26.54 12.03
H112 PEF H . -3.46 22.27 7.28
H111 PEF H . -3.81 20.84 6.87
H122 PEF H . -2.21 21.31 9.23
H121 PEF H . -2.41 19.93 8.61
H132 PEF H . -1.00 20.33 6.90
H131 PEF H . -1.16 21.85 7.01
H142 PEF H . 0.30 22.00 8.82
H141 PEF H . 0.02 20.58 9.29
H152 PEF H . 1.09 19.99 7.09
H151 PEF H . 1.91 20.13 8.38
H162 PEF H . 2.47 22.35 7.84
H161 PEF H . 2.97 21.39 6.77
H172 PEF H . 0.91 23.30 6.47
H171 PEF H . 0.63 21.97 5.74
H182 PEF H . 2.01 22.42 4.15
H181 PEF H . 3.14 22.71 5.13
H192 PEF H . 2.63 24.80 3.94
H191 PEF H . 2.34 25.02 5.41
H202 PEF H . 0.04 24.11 4.61
H201 PEF H . 0.33 25.60 4.85
H212 PEF H . 0.89 25.93 2.60
H211 PEF H . -0.50 25.28 2.67
H222 PEF H . 0.81 23.11 2.37
H221 PEF H . 1.88 24.04 1.77
H232 PEF H . 0.76 23.44 -0.08
H231 PEF H . -0.59 23.36 0.63
H242 PEF H . -0.67 25.23 -0.80
H241 PEF H . -0.79 25.75 0.62
H252 PEF H . 1.18 26.83 0.49
H251 PEF H . 1.89 25.64 -0.19
H253 PEF H . 1.06 26.62 -1.04
H312 PEF H . -8.81 20.32 4.67
H311 PEF H . -8.70 19.50 5.95
H322 PEF H . -6.66 19.18 4.92
H321 PEF H . -6.34 20.10 6.10
H332 PEF H . -7.11 21.48 3.79
H331 PEF H . -6.04 21.92 4.79
H342 PEF H . -5.51 20.80 2.45
H341 PEF H . -5.27 19.63 3.41
H352 PEF H . -3.45 20.62 4.36
H351 PEF H . -4.02 22.02 4.23
H362 PEF H . -3.23 20.60 1.94
H361 PEF H . -3.59 22.08 1.96
H372 PEF H . -1.61 22.43 3.49
H371 PEF H . -1.23 22.11 2.04
H382 PEF H . -1.58 19.74 3.09
H381 PEF H . -0.89 20.54 4.22
H392 PEF H . 0.15 20.43 1.57
H391 PEF H . 0.86 21.14 2.75
H402 PEF H . 0.35 18.37 3.01
H401 PEF H . 1.44 19.15 3.74
H412 PEF H . 2.60 18.07 2.05
H411 PEF H . 1.51 18.36 1.01
H422 PEF H . 3.41 19.71 0.57
H421 PEF H . 2.19 20.60 0.83
H432 PEF H . 2.94 20.79 3.18
H431 PEF H . 4.25 20.09 2.75
H442 PEF H . 4.72 21.91 1.22
H441 PEF H . 3.41 22.61 1.65
H452 PEF H . 4.49 23.62 3.36
H451 PEF H . 5.81 22.97 2.89
H453 PEF H . 4.92 22.27 3.95
#